data_6RC3
#
_entry.id   6RC3
#
_cell.length_a   62.830
_cell.length_b   73.910
_cell.length_c   118.460
_cell.angle_alpha   90.000
_cell.angle_beta   90.000
_cell.angle_gamma   90.000
#
_symmetry.space_group_name_H-M   'I 2 2 2'
#
loop_
_entity.id
_entity.type
_entity.pdbx_description
1 polymer 'NAD kinase 1'
2 non-polymer 'CITRIC ACID'
3 non-polymer GLYCEROL
4 non-polymer 9-(2-chloroethyl)-8-methyl-purin-6-amine
5 water water
#
_entity_poly.entity_id   1
_entity_poly.type   'polypeptide(L)'
_entity_poly.pdbx_seq_one_letter_code
;MKYMITSKGDEKSDLLRLNMIAGFGEYDMEYDDVEPEIVISIGGDGTFLSAFHQYEERLDEIAFIGIHTGHLGFYADWRP
AEADKLVKLLAKGEYQKVSYPLLKTTVKYGIGKKEATYLALNESTVKSSGGPFVVDVVINDIHFERFRGDGLCMSTPSGT
TAYNKSLGGALMHPSIEAMQLTEMASINNRVYRTIGSPLVFPKHHVVSLQPVNDKDFQISVDHLSILHRDVQEIRYEVSA
KKIHFARFRSFPFWRRVHDSFIEDLEHHHHHH
;
_entity_poly.pdbx_strand_id   A
#
loop_
_chem_comp.id
_chem_comp.type
_chem_comp.name
_chem_comp.formula
CIT non-polymer 'CITRIC ACID' 'C6 H8 O7'
GOL non-polymer GLYCEROL 'C3 H8 O3'
JXW non-polymer 9-(2-chloroethyl)-8-methyl-purin-6-amine 'C8 H10 Cl N5'
#
# COMPACT_ATOMS: atom_id res chain seq x y z
N MET A 1 18.84 3.69 -19.79
CA MET A 1 17.65 3.61 -18.97
C MET A 1 17.93 4.17 -17.58
N LYS A 2 17.16 5.18 -17.18
CA LYS A 2 17.40 5.87 -15.93
C LYS A 2 16.96 5.02 -14.74
N TYR A 3 17.58 5.27 -13.58
CA TYR A 3 17.29 4.51 -12.38
C TYR A 3 17.65 5.35 -11.16
N MET A 4 17.19 4.88 -10.00
CA MET A 4 17.56 5.49 -8.72
C MET A 4 17.39 4.45 -7.63
N ILE A 5 18.01 4.71 -6.48
CA ILE A 5 18.02 3.77 -5.36
C ILE A 5 17.77 4.54 -4.07
N THR A 6 16.81 4.07 -3.28
CA THR A 6 16.56 4.58 -1.95
C THR A 6 17.06 3.60 -0.90
N SER A 7 17.56 4.13 0.21
CA SER A 7 18.16 3.34 1.26
C SER A 7 17.42 3.54 2.58
N LYS A 8 17.43 2.49 3.40
CA LYS A 8 16.85 2.60 4.74
C LYS A 8 17.60 3.60 5.59
N GLY A 9 18.89 3.80 5.33
CA GLY A 9 19.70 4.76 6.05
C GLY A 9 20.70 4.16 7.00
N ASP A 10 20.61 2.87 7.28
CA ASP A 10 21.54 2.22 8.19
C ASP A 10 22.83 1.86 7.45
N GLU A 11 23.76 1.23 8.18
CA GLU A 11 25.07 0.93 7.61
C GLU A 11 24.97 -0.11 6.51
N LYS A 12 24.16 -1.15 6.71
CA LYS A 12 24.06 -2.22 5.73
C LYS A 12 23.41 -1.76 4.44
N SER A 13 22.39 -0.91 4.54
CA SER A 13 21.66 -0.47 3.36
C SER A 13 22.46 0.56 2.56
N ASP A 14 23.11 1.50 3.23
CA ASP A 14 23.89 2.51 2.52
C ASP A 14 25.06 1.87 1.78
N LEU A 15 25.72 0.89 2.41
CA LEU A 15 26.84 0.21 1.75
C LEU A 15 26.35 -0.62 0.57
N LEU A 16 25.21 -1.31 0.72
CA LEU A 16 24.66 -2.07 -0.38
C LEU A 16 24.21 -1.16 -1.52
N ARG A 17 23.78 0.06 -1.20
CA ARG A 17 23.38 1.01 -2.23
C ARG A 17 24.58 1.49 -3.04
N LEU A 18 25.68 1.82 -2.38
CA LEU A 18 26.86 2.30 -3.09
C LEU A 18 27.50 1.21 -3.95
N ASN A 19 27.39 -0.04 -3.53
CA ASN A 19 27.95 -1.12 -4.33
C ASN A 19 27.11 -1.40 -5.57
N MET A 20 25.80 -1.20 -5.50
CA MET A 20 24.97 -1.38 -6.68
C MET A 20 25.14 -0.21 -7.65
N ILE A 21 25.27 1.01 -7.13
CA ILE A 21 25.52 2.16 -7.99
C ILE A 21 26.83 1.99 -8.75
N ALA A 22 27.86 1.48 -8.07
CA ALA A 22 29.13 1.22 -8.75
C ALA A 22 28.98 0.12 -9.79
N GLY A 23 28.12 -0.87 -9.53
CA GLY A 23 27.89 -1.92 -10.52
C GLY A 23 27.15 -1.40 -11.75
N PHE A 24 26.15 -0.54 -11.54
CA PHE A 24 25.44 0.04 -12.66
C PHE A 24 26.33 0.97 -13.48
N GLY A 25 27.35 1.56 -12.85
CA GLY A 25 28.28 2.40 -13.60
C GLY A 25 29.06 1.63 -14.63
N GLU A 26 29.27 0.32 -14.39
CA GLU A 26 29.97 -0.51 -15.36
C GLU A 26 29.14 -0.75 -16.61
N TYR A 27 27.83 -0.49 -16.56
CA TYR A 27 26.93 -0.60 -17.69
C TYR A 27 26.58 0.80 -18.19
N ASP A 28 25.59 0.87 -19.09
CA ASP A 28 25.13 2.13 -19.67
C ASP A 28 24.00 2.76 -18.86
N MET A 29 23.92 2.48 -17.56
CA MET A 29 22.85 2.99 -16.73
C MET A 29 23.15 4.41 -16.26
N GLU A 30 22.10 5.22 -16.21
CA GLU A 30 22.20 6.62 -15.82
C GLU A 30 21.41 6.83 -14.53
N TYR A 31 22.06 7.31 -13.49
CA TYR A 31 21.39 7.59 -12.24
C TYR A 31 20.61 8.90 -12.34
N ASP A 32 19.32 8.84 -12.05
CA ASP A 32 18.46 10.02 -12.07
C ASP A 32 17.31 9.77 -11.11
N ASP A 33 17.28 10.53 -10.01
CA ASP A 33 16.20 10.43 -9.05
C ASP A 33 15.07 11.40 -9.34
N VAL A 34 15.03 11.99 -10.54
CA VAL A 34 13.99 12.94 -10.86
C VAL A 34 12.98 12.29 -11.80
N GLU A 35 13.48 11.75 -12.93
CA GLU A 35 12.65 11.06 -13.91
C GLU A 35 13.19 9.65 -14.14
N PRO A 36 13.16 8.79 -13.12
CA PRO A 36 13.68 7.43 -13.31
C PRO A 36 12.65 6.52 -13.95
N GLU A 37 13.15 5.43 -14.52
CA GLU A 37 12.32 4.36 -15.02
C GLU A 37 12.49 3.06 -14.24
N ILE A 38 13.47 3.00 -13.34
CA ILE A 38 13.70 1.87 -12.45
C ILE A 38 13.96 2.43 -11.06
N VAL A 39 13.15 2.03 -10.09
CA VAL A 39 13.30 2.50 -8.71
C VAL A 39 13.56 1.29 -7.83
N ILE A 40 14.73 1.26 -7.21
CA ILE A 40 15.16 0.17 -6.35
C ILE A 40 15.05 0.62 -4.90
N SER A 41 14.48 -0.23 -4.05
CA SER A 41 14.32 0.04 -2.63
C SER A 41 15.15 -0.95 -1.83
N ILE A 42 15.99 -0.44 -0.94
CA ILE A 42 16.88 -1.26 -0.12
C ILE A 42 16.55 -1.01 1.34
N GLY A 43 15.96 -2.01 1.99
CA GLY A 43 15.61 -1.91 3.39
C GLY A 43 14.48 -2.82 3.79
N GLY A 44 13.28 -2.26 3.92
CA GLY A 44 12.11 -3.04 4.25
C GLY A 44 10.89 -2.60 3.47
N ASP A 45 9.72 -3.19 3.76
CA ASP A 45 8.50 -2.77 3.10
C ASP A 45 8.16 -1.32 3.43
N GLY A 46 8.55 -0.85 4.62
CA GLY A 46 8.38 0.57 4.93
C GLY A 46 9.22 1.46 4.05
N THR A 47 10.46 1.07 3.78
CA THR A 47 11.29 1.82 2.85
C THR A 47 10.72 1.78 1.44
N PHE A 48 10.18 0.63 1.04
CA PHE A 48 9.52 0.51 -0.26
C PHE A 48 8.28 1.40 -0.31
N LEU A 49 7.53 1.47 0.78
CA LEU A 49 6.38 2.36 0.84
C LEU A 49 6.80 3.81 0.59
N SER A 50 7.90 4.24 1.20
CA SER A 50 8.39 5.60 0.97
C SER A 50 8.80 5.80 -0.49
N ALA A 51 9.46 4.79 -1.08
CA ALA A 51 9.89 4.91 -2.47
C ALA A 51 8.70 4.99 -3.41
N PHE A 52 7.60 4.29 -3.09
CA PHE A 52 6.41 4.36 -3.94
C PHE A 52 5.79 5.75 -3.91
N HIS A 53 5.67 6.35 -2.72
CA HIS A 53 5.00 7.63 -2.60
C HIS A 53 5.85 8.79 -3.12
N GLN A 54 7.18 8.61 -3.21
CA GLN A 54 8.02 9.66 -3.78
C GLN A 54 7.82 9.79 -5.29
N TYR A 55 7.24 8.79 -5.94
CA TYR A 55 7.08 8.81 -7.39
C TYR A 55 5.68 8.35 -7.80
N GLU A 56 4.65 8.66 -7.01
CA GLU A 56 3.31 8.28 -7.39
C GLU A 56 2.74 9.11 -8.53
N GLU A 57 3.46 10.14 -8.98
CA GLU A 57 3.04 10.93 -10.13
C GLU A 57 3.54 10.38 -11.45
N ARG A 58 4.42 9.38 -11.42
CA ARG A 58 5.00 8.76 -12.61
C ARG A 58 4.97 7.24 -12.48
N LEU A 59 3.82 6.70 -12.05
CA LEU A 59 3.74 5.26 -11.79
C LEU A 59 3.79 4.45 -13.08
N ASP A 60 3.31 5.02 -14.19
CA ASP A 60 3.24 4.26 -15.43
C ASP A 60 4.57 4.14 -16.15
N GLU A 61 5.59 4.92 -15.75
CA GLU A 61 6.90 4.87 -16.37
C GLU A 61 7.96 4.25 -15.46
N ILE A 62 7.56 3.66 -14.34
CA ILE A 62 8.50 3.18 -13.33
C ILE A 62 8.19 1.74 -12.99
N ALA A 63 9.22 0.89 -13.00
CA ALA A 63 9.13 -0.48 -12.51
C ALA A 63 9.92 -0.57 -11.21
N PHE A 64 9.26 -1.03 -10.15
CA PHE A 64 9.85 -1.04 -8.82
C PHE A 64 10.54 -2.38 -8.54
N ILE A 65 11.63 -2.32 -7.77
CA ILE A 65 12.35 -3.49 -7.30
C ILE A 65 12.68 -3.27 -5.83
N GLY A 66 12.50 -4.31 -5.02
CA GLY A 66 12.72 -4.23 -3.59
C GLY A 66 13.80 -5.19 -3.12
N ILE A 67 14.64 -4.71 -2.21
CA ILE A 67 15.68 -5.51 -1.58
C ILE A 67 15.53 -5.39 -0.07
N HIS A 68 15.48 -6.54 0.61
CA HIS A 68 15.29 -6.55 2.06
C HIS A 68 16.63 -6.83 2.74
N THR A 69 17.15 -5.84 3.45
CA THR A 69 18.36 -6.03 4.25
C THR A 69 18.08 -6.66 5.60
N GLY A 70 16.82 -6.68 6.03
CA GLY A 70 16.44 -7.35 7.26
C GLY A 70 15.80 -8.70 6.99
N HIS A 71 14.50 -8.80 7.26
CA HIS A 71 13.76 -10.02 7.02
C HIS A 71 12.99 -9.93 5.70
N LEU A 72 12.41 -11.06 5.30
CA LEU A 72 11.72 -11.15 4.03
C LEU A 72 10.48 -10.26 4.04
N GLY A 73 10.43 -9.30 3.12
CA GLY A 73 9.27 -8.45 2.96
C GLY A 73 8.43 -8.87 1.77
N PHE A 74 7.21 -8.31 1.72
CA PHE A 74 6.32 -8.63 0.62
C PHE A 74 6.65 -7.83 -0.63
N TYR A 75 7.07 -6.58 -0.47
CA TYR A 75 7.49 -5.79 -1.62
C TYR A 75 8.98 -5.87 -1.87
N ALA A 76 9.78 -6.10 -0.83
CA ALA A 76 11.23 -6.25 -0.95
C ALA A 76 11.53 -7.75 -0.91
N ASP A 77 11.51 -8.38 -2.07
CA ASP A 77 11.64 -9.83 -2.20
C ASP A 77 12.94 -10.23 -2.89
N TRP A 78 14.03 -9.55 -2.55
CA TRP A 78 15.36 -9.87 -3.07
C TRP A 78 16.36 -9.89 -1.93
N ARG A 79 17.19 -10.93 -1.88
CA ARG A 79 18.20 -11.02 -0.84
C ARG A 79 19.37 -10.09 -1.15
N PRO A 80 20.02 -9.56 -0.11
CA PRO A 80 21.18 -8.69 -0.36
C PRO A 80 22.31 -9.38 -1.10
N ALA A 81 22.49 -10.69 -0.89
CA ALA A 81 23.54 -11.41 -1.59
C ALA A 81 23.26 -11.56 -3.08
N GLU A 82 22.00 -11.38 -3.49
CA GLU A 82 21.61 -11.45 -4.89
C GLU A 82 21.62 -10.08 -5.57
N ALA A 83 22.32 -9.10 -4.99
CA ALA A 83 22.28 -7.75 -5.53
C ALA A 83 23.04 -7.65 -6.84
N ASP A 84 24.25 -8.22 -6.89
CA ASP A 84 25.04 -8.15 -8.12
C ASP A 84 24.38 -8.91 -9.26
N LYS A 85 23.78 -10.06 -8.96
CA LYS A 85 22.99 -10.78 -9.95
C LYS A 85 21.83 -9.93 -10.47
N LEU A 86 21.29 -9.07 -9.61
CA LEU A 86 20.19 -8.19 -9.99
C LEU A 86 20.66 -7.05 -10.88
N VAL A 87 21.86 -6.52 -10.63
CA VAL A 87 22.36 -5.39 -11.41
C VAL A 87 22.55 -5.79 -12.87
N LYS A 88 23.03 -7.01 -13.12
CA LYS A 88 23.28 -7.45 -14.48
C LYS A 88 21.99 -7.58 -15.28
N LEU A 89 21.02 -8.33 -14.75
CA LEU A 89 19.77 -8.55 -15.48
C LEU A 89 18.98 -7.26 -15.64
N LEU A 90 19.00 -6.39 -14.64
CA LEU A 90 18.29 -5.12 -14.72
C LEU A 90 18.82 -4.24 -15.84
N ALA A 91 20.08 -4.41 -16.22
CA ALA A 91 20.66 -3.67 -17.35
C ALA A 91 20.48 -4.43 -18.66
N LYS A 92 19.27 -4.93 -18.90
CA LYS A 92 18.95 -5.76 -20.06
C LYS A 92 19.85 -6.99 -20.18
N TYR A 95 13.59 -8.35 -18.93
CA TYR A 95 12.66 -8.66 -17.83
C TYR A 95 11.23 -8.31 -18.20
N GLN A 96 10.29 -8.78 -17.39
CA GLN A 96 8.87 -8.54 -17.61
C GLN A 96 8.31 -7.70 -16.46
N LYS A 97 7.19 -7.04 -16.72
CA LYS A 97 6.55 -6.17 -15.75
C LYS A 97 5.32 -6.84 -15.15
N VAL A 98 5.13 -6.65 -13.85
CA VAL A 98 3.97 -7.17 -13.13
C VAL A 98 3.28 -5.99 -12.45
N SER A 99 1.97 -5.92 -12.61
CA SER A 99 1.18 -4.79 -12.11
C SER A 99 0.25 -5.24 -10.99
N TYR A 100 0.14 -4.40 -9.96
CA TYR A 100 -0.76 -4.59 -8.84
C TYR A 100 -1.75 -3.43 -8.77
N PRO A 101 -3.00 -3.68 -8.38
CA PRO A 101 -3.97 -2.59 -8.26
C PRO A 101 -3.71 -1.74 -7.02
N LEU A 102 -4.31 -0.56 -7.01
CA LEU A 102 -4.14 0.41 -5.95
C LEU A 102 -5.49 0.93 -5.49
N LEU A 103 -5.50 1.57 -4.32
CA LEU A 103 -6.71 2.11 -3.71
C LEU A 103 -6.70 3.63 -3.80
N LYS A 104 -7.82 4.21 -4.22
CA LYS A 104 -7.98 5.65 -4.28
C LYS A 104 -8.79 6.13 -3.09
N THR A 105 -8.37 7.23 -2.49
CA THR A 105 -9.05 7.81 -1.32
C THR A 105 -9.33 9.28 -1.61
N THR A 106 -10.60 9.66 -1.53
CA THR A 106 -11.02 11.04 -1.76
C THR A 106 -11.64 11.59 -0.47
N VAL A 107 -11.17 12.77 -0.06
CA VAL A 107 -11.69 13.47 1.11
C VAL A 107 -12.27 14.80 0.65
N LYS A 108 -13.43 15.17 1.19
CA LYS A 108 -14.11 16.40 0.82
C LYS A 108 -14.40 17.22 2.06
N TYR A 109 -14.27 18.55 1.92
CA TYR A 109 -14.51 19.46 3.04
C TYR A 109 -15.62 20.44 2.72
N GLY A 110 -15.64 21.57 3.41
CA GLY A 110 -16.63 22.61 3.18
C GLY A 110 -16.01 23.97 2.93
N GLU A 115 -11.54 19.02 -2.55
CA GLU A 115 -11.20 17.61 -2.52
C GLU A 115 -9.70 17.37 -2.36
N ALA A 116 -9.36 16.23 -1.76
CA ALA A 116 -7.98 15.78 -1.65
C ALA A 116 -7.95 14.29 -1.93
N THR A 117 -7.18 13.90 -2.93
CA THR A 117 -7.06 12.50 -3.34
C THR A 117 -5.72 11.94 -2.91
N TYR A 118 -5.71 10.67 -2.53
CA TYR A 118 -4.49 9.99 -2.11
C TYR A 118 -4.46 8.60 -2.75
N LEU A 119 -3.25 8.09 -2.95
CA LEU A 119 -3.04 6.76 -3.51
C LEU A 119 -2.36 5.90 -2.46
N ALA A 120 -2.94 4.75 -2.17
CA ALA A 120 -2.44 3.86 -1.13
C ALA A 120 -1.95 2.56 -1.76
N LEU A 121 -0.85 2.04 -1.24
CA LEU A 121 -0.35 0.74 -1.66
C LEU A 121 -0.78 -0.37 -0.71
N ASN A 122 -0.81 -0.08 0.59
CA ASN A 122 -1.29 -1.05 1.58
C ASN A 122 -2.76 -0.81 1.91
N GLU A 123 -3.04 0.23 2.68
CA GLU A 123 -4.40 0.49 3.12
C GLU A 123 -4.58 1.96 3.43
N SER A 124 -5.83 2.33 3.69
CA SER A 124 -6.19 3.65 4.18
C SER A 124 -7.20 3.49 5.31
N THR A 125 -6.86 3.99 6.49
CA THR A 125 -7.72 3.83 7.65
C THR A 125 -8.29 5.17 8.11
N VAL A 126 -9.40 5.10 8.83
CA VAL A 126 -10.07 6.27 9.38
C VAL A 126 -10.32 6.03 10.86
N LYS A 127 -9.89 6.97 11.69
CA LYS A 127 -10.16 6.98 13.12
C LYS A 127 -10.81 8.31 13.49
N SER A 128 -11.15 8.45 14.77
CA SER A 128 -11.71 9.69 15.28
C SER A 128 -10.66 10.42 16.10
N SER A 129 -10.51 11.72 15.85
CA SER A 129 -9.55 12.55 16.56
C SER A 129 -10.04 12.75 18.00
N GLY A 130 -9.77 11.76 18.83
CA GLY A 130 -10.11 11.83 20.24
C GLY A 130 -11.48 11.31 20.65
N GLY A 131 -12.54 11.83 20.02
CA GLY A 131 -13.88 11.44 20.36
C GLY A 131 -14.23 10.05 19.86
N PRO A 132 -15.47 9.64 20.11
CA PRO A 132 -15.93 8.35 19.58
C PRO A 132 -16.17 8.42 18.08
N PHE A 133 -15.85 7.33 17.41
CA PHE A 133 -15.91 7.26 15.94
C PHE A 133 -17.27 6.73 15.53
N VAL A 134 -18.06 7.58 14.86
CA VAL A 134 -19.38 7.20 14.35
C VAL A 134 -19.47 7.71 12.92
N VAL A 135 -19.65 6.79 11.97
CA VAL A 135 -19.86 7.15 10.57
C VAL A 135 -20.92 6.23 9.98
N ASP A 136 -21.62 6.74 8.97
CA ASP A 136 -22.53 5.93 8.17
C ASP A 136 -21.77 5.41 6.96
N VAL A 137 -21.93 4.12 6.67
CA VAL A 137 -21.24 3.47 5.56
C VAL A 137 -22.21 3.37 4.40
N VAL A 138 -21.89 4.05 3.31
CA VAL A 138 -22.73 4.07 2.10
C VAL A 138 -21.99 3.34 0.99
N ILE A 139 -22.66 2.38 0.38
CA ILE A 139 -22.10 1.56 -0.70
C ILE A 139 -22.95 1.79 -1.93
N ASN A 140 -22.38 2.46 -2.95
CA ASN A 140 -23.07 2.74 -4.20
C ASN A 140 -24.39 3.47 -3.94
N ASP A 141 -24.31 4.53 -3.16
CA ASP A 141 -25.44 5.39 -2.81
C ASP A 141 -26.51 4.67 -2.01
N ILE A 142 -26.14 3.59 -1.31
CA ILE A 142 -27.07 2.82 -0.49
C ILE A 142 -26.53 2.80 0.94
N HIS A 143 -27.34 3.26 1.89
CA HIS A 143 -26.95 3.21 3.29
C HIS A 143 -26.87 1.76 3.75
N PHE A 144 -25.67 1.31 4.09
CA PHE A 144 -25.43 -0.08 4.48
C PHE A 144 -25.43 -0.27 5.99
N GLU A 145 -24.73 0.58 6.74
CA GLU A 145 -24.63 0.42 8.17
C GLU A 145 -24.16 1.72 8.78
N ARG A 146 -24.46 1.89 10.06
CA ARG A 146 -23.90 2.98 10.86
C ARG A 146 -22.83 2.37 11.75
N PHE A 147 -21.57 2.58 11.41
CA PHE A 147 -20.47 1.97 12.14
C PHE A 147 -20.19 2.73 13.43
N ARG A 148 -19.89 1.99 14.49
CA ARG A 148 -19.66 2.55 15.81
C ARG A 148 -18.52 1.76 16.46
N GLY A 149 -17.35 2.38 16.57
CA GLY A 149 -16.21 1.70 17.14
C GLY A 149 -14.90 2.48 17.08
N ASP A 150 -13.79 1.79 16.83
CA ASP A 150 -12.50 2.46 16.79
C ASP A 150 -12.22 3.06 15.41
N GLY A 151 -12.46 2.29 14.34
CA GLY A 151 -12.23 2.82 13.02
C GLY A 151 -12.49 1.77 11.96
N LEU A 152 -12.11 2.12 10.73
CA LEU A 152 -12.29 1.28 9.56
C LEU A 152 -11.01 1.27 8.74
N CYS A 153 -10.80 0.19 7.98
CA CYS A 153 -9.58 0.00 7.21
C CYS A 153 -9.94 -0.54 5.83
N MET A 154 -9.59 0.21 4.78
CA MET A 154 -9.78 -0.22 3.41
C MET A 154 -8.42 -0.58 2.82
N SER A 155 -8.26 -1.84 2.42
CA SER A 155 -6.97 -2.37 2.05
C SER A 155 -6.93 -2.76 0.57
N THR A 156 -5.76 -2.64 -0.03
CA THR A 156 -5.50 -3.14 -1.38
C THR A 156 -5.32 -4.65 -1.34
N PRO A 157 -5.29 -5.31 -2.50
CA PRO A 157 -5.00 -6.76 -2.49
C PRO A 157 -3.65 -7.11 -1.90
N SER A 158 -2.59 -6.42 -2.32
CA SER A 158 -1.27 -6.70 -1.76
C SER A 158 -1.13 -6.18 -0.34
N GLY A 159 -1.98 -5.25 0.08
CA GLY A 159 -1.96 -4.76 1.45
C GLY A 159 -2.72 -5.60 2.44
N THR A 160 -3.44 -6.63 1.98
CA THR A 160 -4.19 -7.47 2.90
C THR A 160 -3.29 -8.27 3.84
N THR A 161 -2.01 -8.42 3.51
CA THR A 161 -1.07 -9.09 4.40
C THR A 161 -0.54 -8.16 5.49
N ALA A 162 -0.90 -6.88 5.46
CA ALA A 162 -0.44 -5.94 6.46
C ALA A 162 -1.50 -5.69 7.53
N TYR A 163 -1.92 -4.43 7.68
CA TYR A 163 -2.87 -4.07 8.73
C TYR A 163 -4.17 -4.85 8.60
N ASN A 164 -4.61 -5.10 7.36
CA ASN A 164 -5.84 -5.86 7.14
C ASN A 164 -5.79 -7.23 7.81
N LYS A 165 -4.63 -7.89 7.76
CA LYS A 165 -4.50 -9.21 8.37
C LYS A 165 -4.68 -9.15 9.88
N SER A 166 -4.09 -8.14 10.53
CA SER A 166 -4.18 -8.02 11.98
C SER A 166 -5.60 -7.79 12.45
N LEU A 167 -6.48 -7.27 11.57
CA LEU A 167 -7.85 -7.00 11.94
C LEU A 167 -8.80 -8.15 11.63
N GLY A 168 -8.29 -9.25 11.08
CA GLY A 168 -9.11 -10.39 10.72
C GLY A 168 -9.45 -10.49 9.25
N GLY A 169 -8.97 -9.55 8.42
CA GLY A 169 -9.30 -9.58 7.02
C GLY A 169 -8.70 -10.77 6.28
N ALA A 170 -9.24 -11.05 5.11
CA ALA A 170 -8.77 -12.14 4.29
C ALA A 170 -7.61 -11.69 3.41
N LEU A 171 -6.72 -12.64 3.11
CA LEU A 171 -5.64 -12.40 2.17
C LEU A 171 -6.13 -12.73 0.77
N MET A 172 -5.92 -11.82 -0.17
CA MET A 172 -6.39 -12.01 -1.54
C MET A 172 -5.24 -11.81 -2.52
N HIS A 173 -5.28 -12.59 -3.59
CA HIS A 173 -4.22 -12.56 -4.57
C HIS A 173 -4.23 -11.25 -5.36
N PRO A 174 -3.06 -10.64 -5.59
CA PRO A 174 -3.04 -9.31 -6.22
C PRO A 174 -3.55 -9.27 -7.65
N SER A 175 -3.79 -10.42 -8.29
CA SER A 175 -4.39 -10.40 -9.62
C SER A 175 -5.87 -10.05 -9.58
N ILE A 176 -6.46 -9.92 -8.40
CA ILE A 176 -7.86 -9.56 -8.25
C ILE A 176 -7.96 -8.05 -8.05
N GLU A 177 -8.61 -7.36 -8.99
CA GLU A 177 -8.81 -5.92 -8.89
C GLU A 177 -9.97 -5.68 -7.95
N ALA A 178 -9.67 -5.46 -6.68
CA ALA A 178 -10.69 -5.32 -5.65
C ALA A 178 -10.09 -4.57 -4.46
N MET A 179 -10.95 -4.26 -3.48
CA MET A 179 -10.53 -3.63 -2.24
C MET A 179 -11.33 -4.26 -1.10
N GLN A 180 -10.73 -4.28 0.09
CA GLN A 180 -11.33 -4.95 1.23
C GLN A 180 -11.43 -4.01 2.42
N LEU A 181 -12.61 -3.94 3.03
CA LEU A 181 -12.87 -3.11 4.19
C LEU A 181 -13.01 -3.99 5.43
N THR A 182 -12.37 -3.59 6.53
CA THR A 182 -12.43 -4.33 7.78
C THR A 182 -12.71 -3.38 8.94
N GLU A 183 -13.29 -3.94 10.00
CA GLU A 183 -13.71 -3.16 11.15
C GLU A 183 -12.65 -3.14 12.23
N MET A 184 -12.66 -2.08 13.05
CA MET A 184 -11.78 -1.96 14.21
C MET A 184 -12.65 -1.82 15.45
N ALA A 185 -12.70 -2.88 16.26
CA ALA A 185 -13.34 -2.87 17.57
C ALA A 185 -14.73 -2.24 17.52
N SER A 186 -15.60 -2.84 16.71
CA SER A 186 -16.95 -2.33 16.56
C SER A 186 -17.80 -2.68 17.78
N ILE A 187 -18.77 -1.84 18.05
CA ILE A 187 -19.74 -2.10 19.11
C ILE A 187 -20.94 -2.81 18.50
N ASN A 188 -21.34 -3.91 19.10
CA ASN A 188 -22.50 -4.68 18.62
C ASN A 188 -23.32 -5.10 19.83
N ASN A 189 -24.44 -4.42 20.04
CA ASN A 189 -25.41 -4.82 21.06
C ASN A 189 -26.78 -4.88 20.40
N ARG A 190 -27.83 -4.92 21.20
CA ARG A 190 -29.19 -5.02 20.68
C ARG A 190 -29.67 -3.81 19.89
N VAL A 191 -28.94 -2.70 19.96
CA VAL A 191 -29.35 -1.48 19.28
C VAL A 191 -28.30 -0.96 18.31
N TYR A 192 -27.02 -1.30 18.45
CA TYR A 192 -25.99 -0.94 17.49
C TYR A 192 -25.55 -2.19 16.76
N ARG A 193 -25.60 -2.17 15.43
CA ARG A 193 -25.35 -3.37 14.64
C ARG A 193 -24.48 -3.03 13.43
N THR A 194 -23.37 -3.74 13.30
CA THR A 194 -22.55 -3.70 12.09
C THR A 194 -22.47 -5.09 11.49
N ILE A 195 -21.93 -5.16 10.27
CA ILE A 195 -21.85 -6.45 9.60
C ILE A 195 -20.80 -7.35 10.25
N GLY A 196 -19.79 -6.77 10.87
CA GLY A 196 -18.70 -7.56 11.44
C GLY A 196 -17.76 -8.23 10.44
N SER A 197 -18.31 -8.96 9.46
CA SER A 197 -17.48 -9.62 8.47
C SER A 197 -16.72 -8.58 7.65
N PRO A 198 -15.54 -8.94 7.15
CA PRO A 198 -14.88 -8.08 6.17
C PRO A 198 -15.65 -8.07 4.85
N LEU A 199 -15.52 -6.98 4.11
CA LEU A 199 -16.21 -6.79 2.84
C LEU A 199 -15.20 -6.60 1.73
N VAL A 200 -15.35 -7.38 0.65
CA VAL A 200 -14.49 -7.29 -0.52
C VAL A 200 -15.31 -6.67 -1.65
N PHE A 201 -14.85 -5.51 -2.14
CA PHE A 201 -15.56 -4.79 -3.18
C PHE A 201 -14.83 -4.88 -4.51
N PRO A 202 -15.54 -5.07 -5.60
CA PRO A 202 -14.90 -5.17 -6.92
C PRO A 202 -14.59 -3.78 -7.47
N LYS A 203 -14.07 -3.76 -8.68
CA LYS A 203 -13.81 -2.49 -9.36
C LYS A 203 -15.12 -1.77 -9.63
N HIS A 204 -15.06 -0.44 -9.67
CA HIS A 204 -16.15 0.47 -9.95
C HIS A 204 -17.22 0.51 -8.85
N HIS A 205 -16.94 -0.07 -7.68
CA HIS A 205 -17.81 0.08 -6.52
C HIS A 205 -17.25 1.15 -5.61
N VAL A 206 -18.13 2.02 -5.11
CA VAL A 206 -17.75 3.19 -4.33
C VAL A 206 -18.26 3.00 -2.91
N VAL A 207 -17.34 3.04 -1.94
CA VAL A 207 -17.68 2.99 -0.52
C VAL A 207 -17.46 4.38 0.06
N SER A 208 -18.53 4.97 0.59
CA SER A 208 -18.50 6.32 1.14
C SER A 208 -18.69 6.28 2.65
N LEU A 209 -17.91 7.09 3.37
CA LEU A 209 -18.02 7.22 4.81
C LEU A 209 -18.46 8.64 5.13
N GLN A 210 -19.57 8.78 5.86
CA GLN A 210 -20.14 10.08 6.17
C GLN A 210 -20.29 10.25 7.67
N PRO A 211 -19.97 11.42 8.20
CA PRO A 211 -20.01 11.61 9.66
C PRO A 211 -21.44 11.63 10.19
N VAL A 212 -21.54 11.62 11.51
CA VAL A 212 -22.83 11.74 12.19
C VAL A 212 -22.80 12.96 13.09
N ASN A 213 -21.88 12.98 14.06
CA ASN A 213 -21.69 14.14 14.92
C ASN A 213 -20.34 14.79 14.66
N ASP A 214 -19.27 14.20 15.19
CA ASP A 214 -17.94 14.73 14.97
C ASP A 214 -17.56 14.63 13.50
N LYS A 215 -16.93 15.69 12.99
CA LYS A 215 -16.49 15.75 11.61
C LYS A 215 -14.97 15.85 11.48
N ASP A 216 -14.24 15.63 12.57
CA ASP A 216 -12.78 15.62 12.54
C ASP A 216 -12.31 14.16 12.63
N PHE A 217 -11.51 13.75 11.65
CA PHE A 217 -11.09 12.36 11.54
C PHE A 217 -9.59 12.27 11.33
N GLN A 218 -8.97 11.27 11.96
CA GLN A 218 -7.55 10.99 11.77
C GLN A 218 -7.44 9.98 10.63
N ILE A 219 -7.18 10.48 9.43
CA ILE A 219 -7.14 9.67 8.22
C ILE A 219 -5.70 9.32 7.91
N SER A 220 -5.45 8.05 7.59
CA SER A 220 -4.12 7.58 7.27
C SER A 220 -4.10 6.93 5.88
N VAL A 221 -2.97 7.08 5.21
CA VAL A 221 -2.72 6.43 3.92
C VAL A 221 -1.35 5.78 4.01
N ASP A 222 -1.31 4.45 4.01
CA ASP A 222 -0.07 3.68 4.20
C ASP A 222 0.54 4.12 5.53
N HIS A 223 1.74 4.70 5.54
CA HIS A 223 2.38 5.13 6.77
C HIS A 223 2.15 6.61 7.08
N LEU A 224 1.54 7.36 6.17
CA LEU A 224 1.25 8.77 6.40
C LEU A 224 -0.07 8.90 7.15
N SER A 225 -0.03 9.59 8.29
CA SER A 225 -1.21 9.84 9.10
C SER A 225 -1.34 11.33 9.35
N ILE A 226 -2.45 11.93 8.88
CA ILE A 226 -2.67 13.36 8.95
C ILE A 226 -4.11 13.60 9.39
N LEU A 227 -4.31 14.67 10.17
CA LEU A 227 -5.63 15.01 10.69
C LEU A 227 -6.39 15.86 9.68
N HIS A 228 -7.68 15.61 9.57
CA HIS A 228 -8.56 16.36 8.68
C HIS A 228 -9.74 16.90 9.47
N ARG A 229 -9.98 18.21 9.36
CA ARG A 229 -11.04 18.89 10.07
C ARG A 229 -12.16 19.26 9.12
N ASP A 230 -13.39 19.25 9.65
CA ASP A 230 -14.60 19.59 8.89
C ASP A 230 -14.71 18.72 7.63
N VAL A 231 -14.83 17.42 7.86
CA VAL A 231 -14.90 16.44 6.78
C VAL A 231 -16.36 16.18 6.45
N GLN A 232 -16.67 16.16 5.15
CA GLN A 232 -18.02 15.89 4.69
C GLN A 232 -18.21 14.47 4.19
N GLU A 233 -17.19 13.86 3.59
CA GLU A 233 -17.32 12.53 3.01
C GLU A 233 -15.94 11.96 2.74
N ILE A 234 -15.79 10.65 2.95
CA ILE A 234 -14.58 9.91 2.59
C ILE A 234 -14.97 8.85 1.58
N ARG A 235 -14.38 8.93 0.39
CA ARG A 235 -14.77 8.11 -0.74
C ARG A 235 -13.68 7.09 -1.05
N TYR A 236 -14.08 5.83 -1.25
CA TYR A 236 -13.15 4.75 -1.55
C TYR A 236 -13.53 4.08 -2.87
N GLU A 237 -12.51 3.79 -3.68
CA GLU A 237 -12.70 3.03 -4.90
C GLU A 237 -11.34 2.53 -5.38
N VAL A 238 -11.37 1.40 -6.09
CA VAL A 238 -10.15 0.87 -6.70
C VAL A 238 -9.65 1.85 -7.75
N SER A 239 -8.40 2.26 -7.63
CA SER A 239 -7.83 3.23 -8.55
C SER A 239 -7.68 2.64 -9.95
N ALA A 240 -7.69 3.52 -10.94
CA ALA A 240 -7.41 3.11 -12.31
C ALA A 240 -5.92 3.00 -12.59
N LYS A 241 -5.08 3.51 -11.70
CA LYS A 241 -3.63 3.43 -11.84
C LYS A 241 -3.12 2.18 -11.13
N LYS A 242 -2.02 1.64 -11.66
CA LYS A 242 -1.43 0.43 -11.12
C LYS A 242 0.06 0.63 -10.92
N ILE A 243 0.59 -0.03 -9.89
CA ILE A 243 2.03 -0.03 -9.64
C ILE A 243 2.65 -1.16 -10.46
N HIS A 244 3.84 -0.92 -10.99
CA HIS A 244 4.51 -1.88 -11.86
C HIS A 244 5.78 -2.38 -11.18
N PHE A 245 5.91 -3.70 -11.08
CA PHE A 245 7.10 -4.34 -10.58
C PHE A 245 7.87 -4.97 -11.73
N ALA A 246 9.18 -5.03 -11.59
CA ALA A 246 10.05 -5.69 -12.56
C ALA A 246 10.34 -7.09 -12.05
N ARG A 247 9.84 -8.10 -12.74
CA ARG A 247 10.01 -9.49 -12.34
C ARG A 247 11.15 -10.12 -13.13
N PHE A 248 12.04 -10.83 -12.43
CA PHE A 248 13.13 -11.57 -13.06
C PHE A 248 13.02 -13.07 -12.83
N ARG A 249 12.29 -13.51 -11.81
CA ARG A 249 12.12 -14.93 -11.52
C ARG A 249 10.71 -15.15 -11.02
N SER A 250 10.36 -16.42 -10.78
CA SER A 250 9.03 -16.79 -10.31
C SER A 250 9.05 -16.79 -8.78
N PHE A 251 8.32 -15.87 -8.18
CA PHE A 251 8.15 -15.79 -6.73
C PHE A 251 6.67 -15.57 -6.48
N PRO A 252 5.88 -16.65 -6.42
CA PRO A 252 4.43 -16.50 -6.30
C PRO A 252 4.03 -15.79 -5.02
N PHE A 253 2.89 -15.09 -5.09
CA PHE A 253 2.37 -14.39 -3.92
C PHE A 253 2.13 -15.35 -2.77
N TRP A 254 1.56 -16.53 -3.05
CA TRP A 254 1.28 -17.49 -2.01
C TRP A 254 2.56 -18.07 -1.41
N ARG A 255 3.68 -18.04 -2.14
CA ARG A 255 4.95 -18.42 -1.54
C ARG A 255 5.48 -17.30 -0.64
N ARG A 256 5.30 -16.04 -1.05
CA ARG A 256 5.67 -14.93 -0.19
C ARG A 256 4.89 -14.96 1.11
N VAL A 257 3.61 -15.32 1.04
CA VAL A 257 2.80 -15.45 2.25
C VAL A 257 3.33 -16.58 3.13
N HIS A 258 3.70 -17.70 2.51
CA HIS A 258 4.21 -18.84 3.27
C HIS A 258 5.51 -18.47 4.00
N ASP A 259 6.45 -17.83 3.28
CA ASP A 259 7.74 -17.51 3.88
C ASP A 259 7.59 -16.46 4.98
N SER A 260 6.66 -15.53 4.83
CA SER A 260 6.52 -14.47 5.82
C SER A 260 5.78 -14.91 7.07
N PHE A 261 4.86 -15.88 6.94
CA PHE A 261 3.99 -16.24 8.05
C PHE A 261 4.12 -17.68 8.53
N ILE A 262 4.44 -18.63 7.65
CA ILE A 262 4.52 -20.03 8.06
C ILE A 262 5.93 -20.35 8.54
N GLU A 263 6.90 -20.34 7.62
CA GLU A 263 8.28 -20.65 7.97
C GLU A 263 9.19 -20.22 6.84
N ASP A 264 10.48 -20.06 7.17
CA ASP A 264 11.48 -19.70 6.17
C ASP A 264 12.89 -19.95 6.72
C1 CIT B . 1.69 -14.89 -9.12
O1 CIT B . 1.46 -14.83 -7.90
O2 CIT B . 1.43 -15.94 -9.73
C2 CIT B . 2.26 -13.70 -9.86
C3 CIT B . 3.42 -13.07 -9.08
O7 CIT B . 4.21 -14.12 -8.47
C4 CIT B . 4.30 -12.25 -10.01
C5 CIT B . 5.36 -13.14 -10.63
O3 CIT B . 5.33 -13.43 -11.84
O4 CIT B . 6.30 -13.60 -9.92
C6 CIT B . 2.86 -12.17 -8.01
O5 CIT B . 1.63 -11.99 -7.88
O6 CIT B . 3.64 -11.59 -7.21
C1 GOL C . -4.53 17.05 -2.37
O1 GOL C . -3.89 16.94 -1.13
C2 GOL C . -4.01 15.90 -3.25
O2 GOL C . -2.62 15.89 -3.32
C3 GOL C . -4.66 16.11 -4.63
O3 GOL C . -4.06 15.20 -5.50
C JXW D . 4.87 -1.75 5.13
N JXW D . 3.56 -3.51 3.96
C1 JXW D . 4.36 -3.13 4.94
N1 JXW D . 1.87 -5.55 2.41
C2 JXW D . 3.33 -4.86 4.20
N2 JXW D . 2.51 -7.06 4.03
C3 JXW D . 2.56 -5.80 3.52
N3 JXW D . 3.98 -6.50 5.86
C4 JXW D . 3.21 -7.32 5.14
N4 JXW D . 4.67 -4.16 5.80
C5 JXW D . 4.00 -5.27 5.32
C6 JXW D . 5.56 -4.10 6.96
C7 JXW D . 4.79 -4.38 8.23
CL JXW D . 5.64 -5.61 9.23
#